data_4YCA
#
_entry.id   4YCA
#
_cell.length_a   42.180
_cell.length_b   85.210
_cell.length_c   177.060
_cell.angle_alpha   90.00
_cell.angle_beta   90.00
_cell.angle_gamma   90.00
#
_symmetry.space_group_name_H-M   'P 21 21 21'
#
loop_
_entity.id
_entity.type
_entity.pdbx_description
1 polymer '2-dehydropantoate 2-reductase'
2 non-polymer 'NADPH DIHYDRO-NICOTINAMIDE-ADENINE-DINUCLEOTIDE PHOSPHATE'
3 water water
#
_entity_poly.entity_id   1
_entity_poly.type   'polypeptide(L)'
_entity_poly.pdbx_seq_one_letter_code
;MSLSVAIIGPGAVGTTIAYELQQSLPHTTLIGRHAKTITYYTVPHAPAQDIVVKGYEDVTNTFDVIIIAVKTHQLDAVIP
HLTYLAHEDTLIILAQNGYGQLEHIPFKNVCQAVVYISGQKKGDVVTHFRDYQLRIQDNALTRQFRDLVQDSQIDIVLEA
NIQQAIWYKLLVNLGINSITALGRQTVAIMHNPEIRILCRQLLLDGCRVAQAEGLNFSEQTVDTIMTIYQGYPDEMGTSM
YYDIVHQQPLEVEAIQGFIYRRAREHNLDTPYLDTIYSFLRAYQQNEGHHHHHH
;
_entity_poly.pdbx_strand_id   A,B
#
# COMPACT_ATOMS: atom_id res chain seq x y z
N LEU A 3 19.32 -44.28 -5.38
CA LEU A 3 19.28 -42.82 -5.38
C LEU A 3 18.36 -42.28 -4.27
N SER A 4 18.97 -41.65 -3.27
CA SER A 4 18.22 -41.18 -2.11
C SER A 4 17.64 -39.77 -2.34
N VAL A 5 16.43 -39.57 -1.85
CA VAL A 5 15.69 -38.33 -2.08
C VAL A 5 15.13 -37.76 -0.79
N ALA A 6 15.37 -36.47 -0.56
CA ALA A 6 14.78 -35.77 0.56
C ALA A 6 14.02 -34.54 0.08
N ILE A 7 12.96 -34.22 0.80
CA ILE A 7 12.26 -32.94 0.64
C ILE A 7 12.40 -32.19 1.97
N ILE A 8 12.81 -30.94 1.89
CA ILE A 8 12.95 -30.10 3.08
C ILE A 8 11.89 -29.00 3.08
N GLY A 9 10.93 -29.11 3.99
CA GLY A 9 9.84 -28.16 4.08
C GLY A 9 8.50 -28.84 3.88
N PRO A 10 7.89 -29.28 4.98
CA PRO A 10 6.63 -30.02 4.92
C PRO A 10 5.43 -29.05 4.83
N GLY A 11 5.37 -28.28 3.74
CA GLY A 11 4.26 -27.36 3.54
C GLY A 11 3.38 -27.83 2.41
N ALA A 12 2.65 -26.93 1.77
CA ALA A 12 1.75 -27.31 0.70
C ALA A 12 2.50 -28.00 -0.43
N VAL A 13 3.55 -27.36 -0.93
CA VAL A 13 4.29 -27.93 -2.06
C VAL A 13 5.13 -29.15 -1.64
N GLY A 14 5.88 -29.01 -0.56
CA GLY A 14 6.76 -30.07 -0.08
C GLY A 14 6.03 -31.36 0.27
N THR A 15 4.88 -31.25 0.93
CA THR A 15 4.12 -32.42 1.31
C THR A 15 3.56 -33.09 0.06
N THR A 16 3.07 -32.29 -0.90
CA THR A 16 2.59 -32.87 -2.14
C THR A 16 3.68 -33.68 -2.83
N ILE A 17 4.85 -33.08 -2.97
CA ILE A 17 5.96 -33.77 -3.63
C ILE A 17 6.34 -35.04 -2.87
N ALA A 18 6.48 -34.94 -1.55
CA ALA A 18 6.92 -36.09 -0.77
C ALA A 18 5.88 -37.20 -0.86
N TYR A 19 4.62 -36.86 -0.69
CA TYR A 19 3.57 -37.88 -0.75
C TYR A 19 3.61 -38.62 -2.08
N GLU A 20 3.58 -37.86 -3.16
CA GLU A 20 3.48 -38.49 -4.47
C GLU A 20 4.74 -39.28 -4.81
N LEU A 21 5.91 -38.78 -4.41
CA LEU A 21 7.14 -39.55 -4.68
C LEU A 21 7.17 -40.81 -3.84
N GLN A 22 6.66 -40.75 -2.62
CA GLN A 22 6.66 -41.92 -1.74
C GLN A 22 5.79 -43.06 -2.28
N GLN A 23 4.88 -42.76 -3.20
CA GLN A 23 4.04 -43.81 -3.79
C GLN A 23 4.86 -44.75 -4.66
N SER A 24 5.99 -44.28 -5.19
CA SER A 24 6.83 -45.16 -6.01
C SER A 24 8.25 -45.30 -5.43
N LEU A 25 8.60 -44.38 -4.53
CA LEU A 25 9.93 -44.35 -3.94
C LEU A 25 9.77 -44.21 -2.43
N PRO A 26 9.43 -45.31 -1.75
CA PRO A 26 8.91 -45.21 -0.38
C PRO A 26 9.93 -44.68 0.64
N HIS A 27 11.21 -44.69 0.29
CA HIS A 27 12.29 -44.23 1.15
CA HIS A 27 12.22 -44.22 1.24
C HIS A 27 12.45 -42.70 1.12
N THR A 28 11.73 -42.06 0.21
CA THR A 28 11.78 -40.61 0.08
C THR A 28 11.46 -39.97 1.41
N THR A 29 12.28 -39.02 1.84
CA THR A 29 12.19 -38.53 3.21
C THR A 29 11.75 -37.08 3.28
N LEU A 30 10.75 -36.82 4.10
CA LEU A 30 10.22 -35.47 4.28
C LEU A 30 10.81 -34.88 5.56
N ILE A 31 11.51 -33.77 5.42
CA ILE A 31 12.24 -33.21 6.56
C ILE A 31 11.70 -31.84 6.95
N GLY A 32 11.45 -31.66 8.24
CA GLY A 32 11.09 -30.35 8.76
C GLY A 32 11.95 -29.95 9.94
N ARG A 33 11.59 -28.86 10.59
CA ARG A 33 12.36 -28.38 11.74
C ARG A 33 12.30 -29.39 12.88
N HIS A 34 11.12 -29.98 13.08
CA HIS A 34 10.94 -31.00 14.09
CA HIS A 34 10.91 -30.99 14.11
C HIS A 34 10.04 -32.13 13.59
N ALA A 35 10.13 -33.29 14.23
CA ALA A 35 9.36 -34.45 13.82
C ALA A 35 7.86 -34.21 14.00
N LYS A 36 7.06 -34.69 13.05
CA LYS A 36 5.61 -34.63 13.20
C LYS A 36 4.93 -35.46 12.12
N THR A 37 3.60 -35.39 12.08
CA THR A 37 2.82 -36.10 11.07
C THR A 37 1.84 -35.14 10.41
N ILE A 38 1.94 -35.00 9.10
CA ILE A 38 1.02 -34.14 8.39
CA ILE A 38 1.04 -34.13 8.34
C ILE A 38 -0.17 -34.93 7.84
N THR A 39 -1.36 -34.38 8.00
CA THR A 39 -2.53 -35.01 7.41
C THR A 39 -2.72 -34.39 6.02
N TYR A 40 -2.73 -35.24 5.00
CA TYR A 40 -2.68 -34.79 3.61
C TYR A 40 -3.87 -35.26 2.77
N TYR A 41 -4.44 -34.35 1.99
CA TYR A 41 -5.53 -34.68 1.07
C TYR A 41 -5.05 -34.51 -0.38
N THR A 42 -5.08 -35.58 -1.16
CA THR A 42 -4.62 -35.55 -2.55
C THR A 42 -5.44 -34.56 -3.36
N VAL A 43 -6.73 -34.51 -3.07
CA VAL A 43 -7.65 -33.49 -3.55
C VAL A 43 -8.61 -33.20 -2.40
N PRO A 44 -9.30 -32.06 -2.43
CA PRO A 44 -10.30 -31.80 -1.39
C PRO A 44 -11.35 -32.91 -1.33
N HIS A 45 -11.75 -33.29 -0.11
CA HIS A 45 -12.77 -34.32 0.12
C HIS A 45 -12.26 -35.73 -0.20
N ALA A 46 -10.97 -35.87 -0.44
CA ALA A 46 -10.39 -37.20 -0.61
C ALA A 46 -10.20 -37.83 0.77
N PRO A 47 -10.09 -39.16 0.83
CA PRO A 47 -9.73 -39.80 2.10
C PRO A 47 -8.40 -39.24 2.62
N ALA A 48 -8.36 -38.90 3.91
CA ALA A 48 -7.14 -38.35 4.48
C ALA A 48 -6.00 -39.38 4.45
N GLN A 49 -4.78 -38.87 4.31
CA GLN A 49 -3.59 -39.68 4.35
C GLN A 49 -2.57 -39.00 5.26
N ASP A 50 -1.98 -39.74 6.18
CA ASP A 50 -0.95 -39.15 7.05
C ASP A 50 0.42 -39.38 6.47
N ILE A 51 1.27 -38.36 6.52
CA ILE A 51 2.65 -38.54 6.07
C ILE A 51 3.64 -38.10 7.14
N VAL A 52 4.64 -38.95 7.37
CA VAL A 52 5.62 -38.73 8.40
C VAL A 52 6.61 -37.63 8.04
N VAL A 53 6.89 -36.76 9.01
CA VAL A 53 7.93 -35.74 8.84
C VAL A 53 9.04 -36.06 9.83
N LYS A 54 10.28 -36.17 9.34
CA LYS A 54 11.43 -36.31 10.22
C LYS A 54 12.02 -34.94 10.53
N GLY A 55 12.42 -34.72 11.79
CA GLY A 55 13.12 -33.49 12.11
C GLY A 55 14.57 -33.60 11.68
N TYR A 56 15.21 -32.46 11.48
CA TYR A 56 16.64 -32.42 11.12
C TYR A 56 17.48 -33.32 12.00
N GLU A 57 17.19 -33.30 13.29
CA GLU A 57 17.96 -34.06 14.27
C GLU A 57 17.74 -35.56 14.14
N ASP A 58 16.71 -35.96 13.41
CA ASP A 58 16.38 -37.38 13.27
C ASP A 58 17.06 -38.02 12.07
N VAL A 59 17.55 -37.16 11.18
CA VAL A 59 18.08 -37.58 9.90
C VAL A 59 19.60 -37.58 9.92
N THR A 60 20.18 -38.78 9.91
CA THR A 60 21.62 -38.93 10.11
C THR A 60 22.41 -39.06 8.80
N ASN A 61 21.75 -39.57 7.76
CA ASN A 61 22.42 -39.87 6.50
C ASN A 61 22.45 -38.68 5.52
N THR A 62 23.15 -38.85 4.41
CA THR A 62 23.15 -37.84 3.34
C THR A 62 22.25 -38.28 2.20
N PHE A 63 21.87 -37.32 1.34
CA PHE A 63 20.97 -37.59 0.22
C PHE A 63 21.57 -37.20 -1.12
N ASP A 64 21.22 -37.96 -2.16
CA ASP A 64 21.66 -37.68 -3.52
C ASP A 64 20.88 -36.54 -4.16
N VAL A 65 19.59 -36.44 -3.81
CA VAL A 65 18.74 -35.37 -4.31
C VAL A 65 18.03 -34.73 -3.12
N ILE A 66 18.06 -33.39 -3.05
CA ILE A 66 17.34 -32.68 -2.01
C ILE A 66 16.46 -31.61 -2.66
N ILE A 67 15.15 -31.71 -2.43
CA ILE A 67 14.24 -30.69 -2.90
C ILE A 67 13.89 -29.79 -1.74
N ILE A 68 14.20 -28.51 -1.88
CA ILE A 68 13.88 -27.53 -0.85
C ILE A 68 12.59 -26.83 -1.22
N ALA A 69 11.60 -26.91 -0.35
CA ALA A 69 10.27 -26.38 -0.61
C ALA A 69 9.80 -25.46 0.51
N VAL A 70 10.74 -24.79 1.17
CA VAL A 70 10.38 -23.76 2.12
C VAL A 70 10.10 -22.48 1.35
N LYS A 71 9.55 -21.46 2.01
CA LYS A 71 9.38 -20.14 1.40
C LYS A 71 10.75 -19.50 1.16
N THR A 72 10.84 -18.59 0.18
CA THR A 72 12.15 -18.03 -0.19
C THR A 72 12.87 -17.37 0.98
N HIS A 73 12.13 -16.70 1.85
CA HIS A 73 12.76 -16.02 2.99
C HIS A 73 13.19 -17.03 4.07
N GLN A 74 12.88 -18.31 3.85
CA GLN A 74 13.26 -19.38 4.79
C GLN A 74 14.48 -20.17 4.33
N LEU A 75 14.97 -19.92 3.12
CA LEU A 75 16.10 -20.67 2.55
C LEU A 75 17.37 -20.53 3.39
N ASP A 76 17.68 -19.30 3.81
CA ASP A 76 18.90 -19.04 4.58
C ASP A 76 18.97 -19.89 5.86
N ALA A 77 17.81 -20.16 6.45
CA ALA A 77 17.73 -20.97 7.66
C ALA A 77 17.98 -22.44 7.36
N VAL A 78 17.62 -22.88 6.16
CA VAL A 78 17.83 -24.26 5.76
C VAL A 78 19.30 -24.54 5.44
N ILE A 79 19.95 -23.57 4.80
CA ILE A 79 21.31 -23.73 4.26
CA ILE A 79 21.29 -23.76 4.24
C ILE A 79 22.31 -24.44 5.18
N PRO A 80 22.42 -24.00 6.45
CA PRO A 80 23.47 -24.68 7.25
C PRO A 80 23.26 -26.20 7.42
N HIS A 81 22.01 -26.65 7.43
CA HIS A 81 21.72 -28.08 7.55
C HIS A 81 22.23 -28.90 6.35
N LEU A 82 22.48 -28.23 5.23
CA LEU A 82 22.88 -28.93 4.01
C LEU A 82 24.27 -29.56 4.16
N THR A 83 25.10 -28.96 5.00
CA THR A 83 26.43 -29.49 5.29
C THR A 83 26.39 -30.96 5.71
N TYR A 84 25.32 -31.35 6.40
CA TYR A 84 25.18 -32.71 6.91
C TYR A 84 24.19 -33.55 6.09
N LEU A 85 23.34 -32.89 5.32
CA LEU A 85 22.34 -33.60 4.53
C LEU A 85 22.81 -33.94 3.12
N ALA A 86 23.78 -33.19 2.61
CA ALA A 86 24.22 -33.36 1.24
C ALA A 86 25.72 -33.67 1.16
N HIS A 87 26.12 -34.43 0.14
CA HIS A 87 27.53 -34.56 -0.21
C HIS A 87 27.86 -33.60 -1.35
N GLU A 88 29.11 -33.55 -1.79
CA GLU A 88 29.53 -32.50 -2.72
C GLU A 88 28.79 -32.56 -4.05
N ASP A 89 28.28 -33.74 -4.40
CA ASP A 89 27.60 -33.94 -5.69
C ASP A 89 26.08 -34.05 -5.59
N THR A 90 25.53 -33.80 -4.40
CA THR A 90 24.08 -33.84 -4.23
C THR A 90 23.39 -32.84 -5.16
N LEU A 91 22.37 -33.31 -5.87
CA LEU A 91 21.54 -32.41 -6.68
C LEU A 91 20.55 -31.68 -5.79
N ILE A 92 20.64 -30.35 -5.78
CA ILE A 92 19.77 -29.55 -4.94
C ILE A 92 18.80 -28.75 -5.79
N ILE A 93 17.50 -29.02 -5.57
CA ILE A 93 16.45 -28.39 -6.35
C ILE A 93 15.64 -27.44 -5.48
N LEU A 94 15.61 -26.16 -5.86
CA LEU A 94 14.78 -25.19 -5.15
C LEU A 94 13.38 -25.16 -5.72
N ALA A 95 12.46 -25.81 -5.04
CA ALA A 95 11.06 -25.80 -5.46
C ALA A 95 10.40 -24.59 -4.81
N GLN A 96 10.73 -23.42 -5.33
CA GLN A 96 10.32 -22.14 -4.76
C GLN A 96 10.00 -21.16 -5.85
N ASN A 97 9.23 -20.14 -5.52
CA ASN A 97 9.04 -19.05 -6.45
C ASN A 97 10.24 -18.13 -6.40
N GLY A 98 10.31 -17.23 -7.36
CA GLY A 98 11.35 -16.22 -7.38
C GLY A 98 12.65 -16.77 -7.91
N TYR A 99 13.70 -15.97 -7.80
CA TYR A 99 15.01 -16.35 -8.31
C TYR A 99 16.11 -15.85 -7.38
N LEU A 102 20.33 -18.89 -5.16
CA LEU A 102 21.08 -20.06 -5.59
C LEU A 102 22.53 -19.98 -5.15
N GLU A 103 23.10 -18.79 -5.28
CA GLU A 103 24.51 -18.59 -4.97
C GLU A 103 24.78 -18.65 -3.47
N HIS A 104 23.72 -18.60 -2.67
CA HIS A 104 23.86 -18.73 -1.22
C HIS A 104 24.13 -20.19 -0.84
N ILE A 105 23.84 -21.10 -1.76
CA ILE A 105 23.99 -22.53 -1.52
C ILE A 105 25.35 -23.04 -1.96
N PRO A 106 26.21 -23.41 -1.00
CA PRO A 106 27.61 -23.77 -1.26
C PRO A 106 27.79 -25.16 -1.86
N PHE A 107 27.05 -25.46 -2.91
CA PHE A 107 27.12 -26.76 -3.56
C PHE A 107 27.19 -26.58 -5.07
N LYS A 108 27.77 -27.58 -5.73
CA LYS A 108 28.00 -27.55 -7.16
C LYS A 108 26.70 -27.61 -7.96
N ASN A 109 25.84 -28.55 -7.60
CA ASN A 109 24.66 -28.85 -8.41
C ASN A 109 23.35 -28.32 -7.81
N VAL A 110 23.15 -27.02 -7.96
CA VAL A 110 21.97 -26.34 -7.45
C VAL A 110 21.08 -25.88 -8.60
N CYS A 111 19.82 -26.28 -8.60
CA CYS A 111 18.90 -25.93 -9.69
C CYS A 111 17.63 -25.27 -9.19
N GLN A 112 17.30 -24.11 -9.77
CA GLN A 112 16.05 -23.44 -9.42
C GLN A 112 14.90 -24.06 -10.21
N ALA A 113 13.88 -24.56 -9.52
CA ALA A 113 12.71 -25.11 -10.21
C ALA A 113 11.61 -24.06 -10.35
N VAL A 114 10.70 -24.28 -11.30
CA VAL A 114 9.50 -23.47 -11.44
C VAL A 114 8.35 -24.37 -11.00
N VAL A 115 7.61 -23.94 -9.97
CA VAL A 115 6.63 -24.79 -9.33
C VAL A 115 5.21 -24.60 -9.87
N TYR A 116 4.66 -25.68 -10.44
CA TYR A 116 3.28 -25.67 -10.87
C TYR A 116 2.54 -26.76 -10.11
N ILE A 117 2.35 -26.49 -8.82
CA ILE A 117 1.69 -27.37 -7.87
C ILE A 117 0.88 -26.44 -6.97
N SER A 118 -0.44 -26.66 -6.88
CA SER A 118 -1.28 -25.76 -6.11
C SER A 118 -1.85 -26.47 -4.90
N GLY A 119 -1.74 -25.83 -3.73
CA GLY A 119 -2.22 -26.41 -2.49
C GLY A 119 -2.12 -25.42 -1.34
N GLN A 120 -2.63 -25.80 -0.18
CA GLN A 120 -2.57 -24.91 0.97
C GLN A 120 -2.35 -25.71 2.24
N LYS A 121 -1.62 -25.12 3.18
CA LYS A 121 -1.41 -25.74 4.48
C LYS A 121 -2.14 -24.94 5.54
N LYS A 122 -2.96 -25.62 6.34
CA LYS A 122 -3.58 -24.99 7.50
C LYS A 122 -3.23 -25.83 8.72
N GLY A 123 -2.39 -25.28 9.59
CA GLY A 123 -1.90 -26.04 10.73
C GLY A 123 -1.06 -27.18 10.17
N ASP A 124 -1.31 -28.39 10.63
CA ASP A 124 -0.58 -29.54 10.10
C ASP A 124 -1.43 -30.33 9.11
N VAL A 125 -2.28 -29.62 8.39
CA VAL A 125 -3.14 -30.24 7.39
C VAL A 125 -2.88 -29.64 6.03
N VAL A 126 -2.52 -30.48 5.07
CA VAL A 126 -2.24 -30.01 3.73
C VAL A 126 -3.30 -30.51 2.76
N THR A 127 -3.87 -29.58 2.02
CA THR A 127 -4.82 -29.91 0.97
C THR A 127 -4.26 -29.52 -0.39
N HIS A 128 -3.99 -30.51 -1.22
CA HIS A 128 -3.56 -30.27 -2.59
C HIS A 128 -4.79 -29.99 -3.44
N PHE A 129 -4.69 -29.01 -4.35
CA PHE A 129 -5.81 -28.62 -5.19
C PHE A 129 -5.72 -29.18 -6.60
N ARG A 130 -4.54 -29.01 -7.22
CA ARG A 130 -4.33 -29.37 -8.61
C ARG A 130 -2.87 -29.27 -8.99
N ASP A 131 -2.47 -30.09 -9.96
CA ASP A 131 -1.16 -30.04 -10.64
C ASP A 131 0.00 -30.63 -9.83
N TYR A 132 0.98 -31.19 -10.55
CA TYR A 132 2.08 -31.92 -9.94
C TYR A 132 3.40 -31.61 -10.64
N GLN A 133 3.50 -30.42 -11.22
CA GLN A 133 4.58 -30.15 -12.18
C GLN A 133 5.73 -29.30 -11.62
N LEU A 134 6.96 -29.74 -11.91
CA LEU A 134 8.16 -28.93 -11.67
C LEU A 134 8.86 -28.74 -13.00
N ARG A 135 9.18 -27.50 -13.35
CA ARG A 135 10.01 -27.26 -14.52
C ARG A 135 11.44 -26.98 -14.07
N ILE A 136 12.38 -27.74 -14.61
CA ILE A 136 13.77 -27.65 -14.18
C ILE A 136 14.73 -27.61 -15.38
N GLN A 137 15.89 -26.99 -15.18
CA GLN A 137 16.94 -26.98 -16.21
C GLN A 137 17.30 -28.41 -16.60
N ASP A 138 17.35 -28.67 -17.89
CA ASP A 138 17.73 -29.97 -18.43
C ASP A 138 19.24 -30.18 -18.31
N ASN A 139 19.64 -31.17 -17.50
CA ASN A 139 21.04 -31.56 -17.40
C ASN A 139 21.12 -33.03 -16.99
N ALA A 140 22.34 -33.56 -16.89
CA ALA A 140 22.52 -34.99 -16.66
C ALA A 140 21.82 -35.44 -15.37
N LEU A 141 22.02 -34.69 -14.29
CA LEU A 141 21.44 -35.07 -13.00
C LEU A 141 19.92 -34.97 -12.97
N THR A 142 19.35 -33.94 -13.60
CA THR A 142 17.91 -33.78 -13.56
C THR A 142 17.23 -34.79 -14.48
N ARG A 143 17.90 -35.20 -15.55
CA ARG A 143 17.40 -36.29 -16.38
C ARG A 143 17.38 -37.58 -15.57
N GLN A 144 18.41 -37.80 -14.77
CA GLN A 144 18.50 -38.99 -13.93
C GLN A 144 17.38 -38.97 -12.90
N PHE A 145 17.14 -37.81 -12.30
CA PHE A 145 16.06 -37.66 -11.35
C PHE A 145 14.70 -37.88 -12.01
N ARG A 146 14.52 -37.30 -13.19
CA ARG A 146 13.30 -37.49 -13.97
C ARG A 146 13.01 -38.97 -14.20
N ASP A 147 14.05 -39.71 -14.61
CA ASP A 147 13.93 -41.15 -14.78
C ASP A 147 13.54 -41.84 -13.48
N LEU A 148 14.15 -41.42 -12.38
CA LEU A 148 13.86 -42.01 -11.06
C LEU A 148 12.39 -41.91 -10.67
N VAL A 149 11.75 -40.78 -11.00
CA VAL A 149 10.39 -40.54 -10.53
C VAL A 149 9.30 -40.93 -11.53
N GLN A 150 9.67 -41.63 -12.61
CA GLN A 150 8.76 -41.93 -13.71
C GLN A 150 7.48 -42.70 -13.33
N ASP A 151 7.48 -43.41 -12.22
CA ASP A 151 6.29 -44.16 -11.82
C ASP A 151 5.44 -43.38 -10.80
N SER A 152 5.84 -42.15 -10.53
CA SER A 152 5.08 -41.27 -9.64
C SER A 152 4.22 -40.30 -10.46
N GLN A 153 3.31 -39.61 -9.78
CA GLN A 153 2.49 -38.56 -10.40
C GLN A 153 3.24 -37.23 -10.62
N ILE A 154 4.46 -37.11 -10.08
CA ILE A 154 5.23 -35.89 -10.25
C ILE A 154 5.70 -35.72 -11.68
N ASP A 155 5.34 -34.58 -12.27
CA ASP A 155 5.64 -34.30 -13.66
C ASP A 155 6.86 -33.37 -13.75
N ILE A 156 8.01 -33.98 -14.03
CA ILE A 156 9.23 -33.21 -14.19
C ILE A 156 9.42 -32.83 -15.65
N VAL A 157 9.31 -31.53 -15.93
CA VAL A 157 9.52 -30.99 -17.28
C VAL A 157 10.88 -30.35 -17.38
N LEU A 158 11.72 -30.89 -18.26
CA LEU A 158 13.08 -30.41 -18.38
C LEU A 158 13.17 -29.41 -19.52
N GLU A 159 13.76 -28.25 -19.20
CA GLU A 159 13.87 -27.15 -20.14
C GLU A 159 15.29 -26.99 -20.63
N ALA A 160 15.47 -26.93 -21.95
CA ALA A 160 16.80 -26.74 -22.52
C ALA A 160 17.47 -25.49 -21.94
N ASN A 161 16.66 -24.47 -21.62
CA ASN A 161 17.13 -23.30 -20.89
C ASN A 161 16.02 -22.76 -19.99
N ILE A 162 16.21 -22.91 -18.68
CA ILE A 162 15.15 -22.73 -17.70
C ILE A 162 14.82 -21.24 -17.43
N GLN A 163 15.68 -20.35 -17.91
CA GLN A 163 15.52 -18.91 -17.64
C GLN A 163 14.16 -18.37 -18.08
N GLN A 164 13.73 -18.73 -19.28
CA GLN A 164 12.46 -18.21 -19.79
C GLN A 164 11.32 -18.60 -18.86
N ALA A 165 11.29 -19.86 -18.45
CA ALA A 165 10.21 -20.34 -17.59
C ALA A 165 10.22 -19.67 -16.23
N ILE A 166 11.41 -19.43 -15.69
CA ILE A 166 11.54 -18.75 -14.41
C ILE A 166 11.02 -17.32 -14.51
N TRP A 167 11.45 -16.60 -15.54
CA TRP A 167 11.01 -15.23 -15.71
C TRP A 167 9.53 -15.11 -16.05
N TYR A 168 8.99 -16.12 -16.73
CA TYR A 168 7.57 -16.05 -17.04
C TYR A 168 6.75 -16.12 -15.76
N LYS A 169 7.11 -17.05 -14.85
CA LYS A 169 6.41 -17.12 -13.57
C LYS A 169 6.71 -15.88 -12.71
N LEU A 170 7.93 -15.37 -12.80
CA LEU A 170 8.27 -14.13 -12.11
C LEU A 170 7.29 -13.03 -12.49
N LEU A 171 6.99 -12.94 -13.78
CA LEU A 171 6.10 -11.88 -14.25
C LEU A 171 4.63 -12.15 -13.86
N VAL A 172 4.20 -13.41 -13.98
CA VAL A 172 2.84 -13.78 -13.58
C VAL A 172 2.63 -13.43 -12.10
N ASN A 173 3.62 -13.77 -11.26
CA ASN A 173 3.60 -13.38 -9.86
C ASN A 173 3.66 -11.87 -9.66
N LEU A 174 4.53 -11.20 -10.40
CA LEU A 174 4.80 -9.78 -10.18
C LEU A 174 3.53 -8.94 -10.22
N GLY A 175 2.69 -9.14 -11.22
CA GLY A 175 1.50 -8.29 -11.37
C GLY A 175 0.50 -8.53 -10.27
N ILE A 176 -0.12 -9.70 -10.26
CA ILE A 176 -1.27 -9.93 -9.39
C ILE A 176 -0.87 -10.08 -7.91
N ASN A 177 0.31 -10.63 -7.60
CA ASN A 177 0.70 -10.75 -6.21
C ASN A 177 0.99 -9.38 -5.59
N SER A 178 1.62 -8.50 -6.36
CA SER A 178 1.95 -7.16 -5.87
C SER A 178 0.69 -6.35 -5.58
N ILE A 179 -0.25 -6.44 -6.49
CA ILE A 179 -1.48 -5.70 -6.42
C ILE A 179 -2.37 -6.18 -5.28
N THR A 180 -2.58 -7.49 -5.17
CA THR A 180 -3.43 -8.02 -4.11
C THR A 180 -2.81 -7.79 -2.73
N ALA A 181 -1.49 -7.92 -2.64
CA ALA A 181 -0.83 -7.78 -1.35
C ALA A 181 -0.83 -6.31 -0.91
N LEU A 182 -0.37 -5.42 -1.77
CA LEU A 182 -0.36 -4.00 -1.41
C LEU A 182 -1.78 -3.48 -1.20
N GLY A 183 -2.72 -4.03 -1.95
CA GLY A 183 -4.11 -3.59 -1.87
C GLY A 183 -4.86 -4.20 -0.71
N ARG A 184 -4.26 -5.22 -0.08
CA ARG A 184 -4.93 -5.99 0.98
C ARG A 184 -6.27 -6.52 0.53
N GLN A 185 -6.33 -7.04 -0.69
CA GLN A 185 -7.58 -7.51 -1.27
C GLN A 185 -7.37 -8.74 -2.11
N THR A 186 -8.41 -9.57 -2.23
CA THR A 186 -8.43 -10.62 -3.23
C THR A 186 -8.36 -10.03 -4.64
N VAL A 187 -8.30 -10.89 -5.65
CA VAL A 187 -8.16 -10.41 -7.02
C VAL A 187 -9.34 -9.54 -7.49
N ALA A 188 -10.44 -9.50 -6.73
CA ALA A 188 -11.56 -8.60 -7.01
C ALA A 188 -11.14 -7.14 -7.12
N ILE A 189 -10.01 -6.79 -6.51
CA ILE A 189 -9.49 -5.43 -6.62
C ILE A 189 -9.25 -5.06 -8.10
N MET A 190 -9.13 -6.05 -8.97
CA MET A 190 -8.87 -5.79 -10.39
C MET A 190 -10.11 -5.24 -11.10
N HIS A 191 -11.24 -5.17 -10.41
CA HIS A 191 -12.42 -4.53 -10.99
C HIS A 191 -12.29 -3.00 -11.05
N ASN A 192 -11.34 -2.47 -10.29
CA ASN A 192 -10.99 -1.05 -10.41
C ASN A 192 -10.20 -0.79 -11.68
N PRO A 193 -10.68 0.12 -12.54
CA PRO A 193 -9.97 0.38 -13.79
C PRO A 193 -8.53 0.88 -13.55
N GLU A 194 -8.36 1.71 -12.53
CA GLU A 194 -7.05 2.27 -12.23
C GLU A 194 -6.06 1.17 -11.80
N ILE A 195 -6.57 0.14 -11.12
CA ILE A 195 -5.71 -0.96 -10.68
C ILE A 195 -5.27 -1.81 -11.88
N ARG A 196 -6.16 -2.02 -12.85
CA ARG A 196 -5.78 -2.78 -14.05
C ARG A 196 -4.76 -2.02 -14.87
N ILE A 197 -4.89 -0.70 -14.92
CA ILE A 197 -3.92 0.13 -15.62
C ILE A 197 -2.55 0.00 -14.95
N LEU A 198 -2.54 0.12 -13.63
CA LEU A 198 -1.32 -0.10 -12.85
C LEU A 198 -0.71 -1.50 -13.09
N CYS A 199 -1.57 -2.50 -13.08
CA CYS A 199 -1.10 -3.88 -13.22
C CYS A 199 -0.36 -4.09 -14.54
N ARG A 200 -0.95 -3.63 -15.63
CA ARG A 200 -0.32 -3.71 -16.95
C ARG A 200 1.01 -2.92 -16.98
N GLN A 201 1.03 -1.74 -16.36
CA GLN A 201 2.26 -0.93 -16.34
C GLN A 201 3.35 -1.63 -15.54
N LEU A 202 2.94 -2.27 -14.46
CA LEU A 202 3.86 -3.01 -13.62
C LEU A 202 4.44 -4.20 -14.39
N LEU A 203 3.58 -4.93 -15.08
CA LEU A 203 4.06 -6.04 -15.92
C LEU A 203 5.00 -5.53 -17.00
N LEU A 204 4.71 -4.34 -17.54
CA LEU A 204 5.55 -3.80 -18.61
C LEU A 204 6.93 -3.46 -18.06
N ASP A 205 6.97 -2.93 -16.84
CA ASP A 205 8.23 -2.69 -16.13
C ASP A 205 9.02 -3.99 -16.04
N GLY A 206 8.37 -5.04 -15.55
CA GLY A 206 9.01 -6.32 -15.37
C GLY A 206 9.52 -6.85 -16.70
N CYS A 207 8.72 -6.64 -17.73
CA CYS A 207 9.04 -7.14 -19.06
CA CYS A 207 9.06 -7.14 -19.06
C CYS A 207 10.31 -6.47 -19.61
N ARG A 208 10.43 -5.19 -19.36
CA ARG A 208 11.62 -4.49 -19.90
CA ARG A 208 11.62 -4.50 -19.81
C ARG A 208 12.90 -4.93 -19.13
N VAL A 209 12.72 -5.33 -17.87
CA VAL A 209 13.84 -5.91 -17.14
C VAL A 209 14.20 -7.28 -17.74
N ALA A 210 13.19 -8.12 -17.95
CA ALA A 210 13.42 -9.44 -18.57
C ALA A 210 14.15 -9.30 -19.90
N GLN A 211 13.75 -8.30 -20.69
CA GLN A 211 14.38 -8.03 -21.99
C GLN A 211 15.87 -7.73 -21.84
N ALA A 212 16.21 -6.87 -20.88
CA ALA A 212 17.61 -6.48 -20.67
C ALA A 212 18.42 -7.65 -20.14
N GLU A 213 17.71 -8.60 -19.54
CA GLU A 213 18.34 -9.81 -19.07
C GLU A 213 18.47 -10.82 -20.22
N GLY A 214 17.99 -10.44 -21.40
CA GLY A 214 18.15 -11.28 -22.58
C GLY A 214 17.00 -12.21 -22.90
N LEU A 215 15.85 -12.01 -22.26
CA LEU A 215 14.73 -12.89 -22.50
C LEU A 215 13.82 -12.37 -23.61
N ASN A 216 13.18 -13.29 -24.33
CA ASN A 216 12.33 -12.91 -25.45
C ASN A 216 10.89 -12.66 -25.02
N PHE A 217 10.69 -11.59 -24.26
CA PHE A 217 9.33 -11.21 -23.87
C PHE A 217 8.98 -9.87 -24.54
N SER A 218 7.70 -9.51 -24.50
CA SER A 218 7.25 -8.31 -25.18
C SER A 218 5.88 -7.90 -24.68
N GLU A 219 5.28 -6.94 -25.36
CA GLU A 219 3.95 -6.46 -25.02
C GLU A 219 2.93 -7.57 -25.15
N GLN A 220 3.14 -8.46 -26.13
CA GLN A 220 2.30 -9.64 -26.30
C GLN A 220 2.28 -10.49 -25.03
N THR A 221 3.45 -10.65 -24.42
CA THR A 221 3.56 -11.40 -23.17
C THR A 221 2.68 -10.80 -22.08
N VAL A 222 2.73 -9.48 -21.95
CA VAL A 222 1.92 -8.74 -20.99
C VAL A 222 0.42 -8.94 -21.24
N ASP A 223 0.03 -8.83 -22.51
CA ASP A 223 -1.36 -9.07 -22.91
C ASP A 223 -1.80 -10.45 -22.46
N THR A 224 -0.94 -11.44 -22.70
CA THR A 224 -1.24 -12.82 -22.34
C THR A 224 -1.45 -12.97 -20.83
N ILE A 225 -0.61 -12.32 -20.04
CA ILE A 225 -0.71 -12.42 -18.60
C ILE A 225 -1.95 -11.67 -18.10
N MET A 226 -2.22 -10.48 -18.65
CA MET A 226 -3.45 -9.78 -18.27
C MET A 226 -4.68 -10.64 -18.59
N THR A 227 -4.61 -11.39 -19.68
CA THR A 227 -5.70 -12.29 -20.06
C THR A 227 -5.86 -13.45 -19.08
N ILE A 228 -4.76 -14.00 -18.60
CA ILE A 228 -4.82 -15.00 -17.55
C ILE A 228 -5.49 -14.47 -16.28
N TYR A 229 -5.11 -13.26 -15.88
CA TYR A 229 -5.69 -12.61 -14.71
C TYR A 229 -7.22 -12.46 -14.81
N GLN A 230 -7.73 -12.21 -16.02
CA GLN A 230 -9.17 -12.03 -16.25
C GLN A 230 -9.95 -13.32 -15.99
N GLY A 231 -9.23 -14.44 -15.93
CA GLY A 231 -9.85 -15.73 -15.67
C GLY A 231 -10.09 -16.02 -14.20
N TYR A 232 -9.36 -15.34 -13.31
CA TYR A 232 -9.45 -15.57 -11.87
C TYR A 232 -10.79 -15.15 -11.27
N PRO A 233 -11.35 -15.96 -10.37
CA PRO A 233 -12.60 -15.61 -9.69
C PRO A 233 -12.36 -14.61 -8.56
N ASP A 234 -13.36 -13.78 -8.24
CA ASP A 234 -13.20 -12.68 -7.26
C ASP A 234 -12.61 -13.11 -5.91
N GLU A 235 -13.01 -14.28 -5.42
CA GLU A 235 -12.60 -14.70 -4.08
C GLU A 235 -11.13 -15.18 -4.04
N MET A 236 -10.50 -15.30 -5.20
CA MET A 236 -9.15 -15.84 -5.24
C MET A 236 -8.12 -14.93 -4.60
N GLY A 237 -7.29 -15.48 -3.73
CA GLY A 237 -6.18 -14.72 -3.19
C GLY A 237 -4.88 -15.01 -3.95
N THR A 238 -3.77 -14.50 -3.44
CA THR A 238 -2.44 -14.90 -3.91
C THR A 238 -1.61 -15.25 -2.68
N SER A 239 -0.44 -15.85 -2.87
CA SER A 239 0.32 -16.28 -1.69
C SER A 239 0.82 -15.06 -0.93
N MET A 240 1.16 -13.99 -1.64
CA MET A 240 1.73 -12.81 -0.97
C MET A 240 0.61 -12.03 -0.27
N TYR A 241 -0.59 -12.07 -0.85
CA TYR A 241 -1.76 -11.49 -0.19
C TYR A 241 -2.04 -12.24 1.11
N TYR A 242 -2.05 -13.57 1.06
CA TYR A 242 -2.30 -14.32 2.28
C TYR A 242 -1.25 -14.02 3.34
N ASP A 243 0.02 -13.91 2.92
CA ASP A 243 1.11 -13.63 3.85
C ASP A 243 0.96 -12.27 4.51
N ILE A 244 0.64 -11.25 3.73
CA ILE A 244 0.54 -9.91 4.27
C ILE A 244 -0.68 -9.78 5.20
N VAL A 245 -1.82 -10.41 4.87
CA VAL A 245 -2.96 -10.25 5.77
C VAL A 245 -2.84 -11.10 7.05
N HIS A 246 -1.96 -12.09 7.04
CA HIS A 246 -1.74 -12.86 8.26
C HIS A 246 -0.47 -12.39 8.98
N GLN A 247 0.02 -11.22 8.56
CA GLN A 247 1.18 -10.57 9.17
C GLN A 247 2.40 -11.48 9.21
N GLN A 248 2.60 -12.22 8.13
CA GLN A 248 3.76 -13.08 7.98
C GLN A 248 4.82 -12.39 7.12
N PRO A 249 6.06 -12.90 7.15
CA PRO A 249 7.02 -12.36 6.19
C PRO A 249 6.59 -12.68 4.76
N LEU A 250 7.03 -11.84 3.81
CA LEU A 250 6.74 -11.99 2.39
C LEU A 250 7.91 -12.60 1.62
N GLU A 251 7.60 -13.21 0.49
CA GLU A 251 8.64 -13.67 -0.43
C GLU A 251 9.14 -12.55 -1.34
N VAL A 252 9.05 -11.31 -0.87
CA VAL A 252 9.31 -10.16 -1.74
C VAL A 252 10.75 -10.11 -2.29
N GLU A 253 11.74 -10.45 -1.48
CA GLU A 253 13.12 -10.21 -1.91
C GLU A 253 13.51 -11.08 -3.11
N ALA A 254 12.98 -12.30 -3.17
CA ALA A 254 13.31 -13.19 -4.28
C ALA A 254 12.42 -12.95 -5.50
N ILE A 255 11.40 -12.11 -5.37
CA ILE A 255 10.49 -11.87 -6.47
C ILE A 255 10.59 -10.42 -6.91
N GLN A 256 9.86 -9.52 -6.26
CA GLN A 256 9.93 -8.10 -6.65
C GLN A 256 11.33 -7.54 -6.40
N GLY A 257 11.98 -7.99 -5.33
CA GLY A 257 13.33 -7.53 -5.03
C GLY A 257 14.33 -7.96 -6.08
N PHE A 258 14.25 -9.22 -6.50
CA PHE A 258 15.13 -9.69 -7.57
C PHE A 258 14.93 -8.86 -8.85
N ILE A 259 13.68 -8.64 -9.23
CA ILE A 259 13.40 -7.89 -10.46
C ILE A 259 13.92 -6.46 -10.34
N TYR A 260 13.70 -5.88 -9.16
CA TYR A 260 14.18 -4.54 -8.83
C TYR A 260 15.72 -4.43 -8.91
N ARG A 261 16.41 -5.38 -8.31
CA ARG A 261 17.86 -5.34 -8.32
C ARG A 261 18.40 -5.53 -9.73
N ARG A 262 17.71 -6.32 -10.56
CA ARG A 262 18.14 -6.43 -11.96
C ARG A 262 17.85 -5.12 -12.72
N ALA A 263 16.73 -4.47 -12.40
CA ALA A 263 16.41 -3.20 -13.05
C ALA A 263 17.52 -2.19 -12.80
N ARG A 264 17.98 -2.12 -11.56
CA ARG A 264 19.05 -1.20 -11.19
C ARG A 264 20.35 -1.58 -11.88
N GLU A 265 20.64 -2.87 -11.94
CA GLU A 265 21.86 -3.33 -12.59
C GLU A 265 21.90 -2.85 -14.05
N HIS A 266 20.75 -2.77 -14.68
CA HIS A 266 20.69 -2.36 -16.08
C HIS A 266 20.34 -0.88 -16.24
N ASN A 267 20.36 -0.16 -15.12
CA ASN A 267 20.06 1.27 -15.12
C ASN A 267 18.74 1.60 -15.81
N LEU A 268 17.72 0.80 -15.53
CA LEU A 268 16.43 0.99 -16.17
C LEU A 268 15.55 1.96 -15.38
N ASP A 269 14.56 2.53 -16.06
CA ASP A 269 13.54 3.33 -15.43
C ASP A 269 12.29 2.49 -15.23
N THR A 270 11.99 2.15 -13.97
CA THR A 270 10.90 1.23 -13.65
C THR A 270 10.10 1.76 -12.47
N PRO A 271 9.36 2.86 -12.70
CA PRO A 271 8.69 3.57 -11.60
C PRO A 271 7.62 2.74 -10.92
N TYR A 272 6.91 1.90 -11.67
CA TYR A 272 5.84 1.11 -11.09
C TYR A 272 6.43 0.01 -10.22
N LEU A 273 7.40 -0.72 -10.76
CA LEU A 273 8.11 -1.73 -10.00
C LEU A 273 8.74 -1.14 -8.74
N ASP A 274 9.36 0.03 -8.91
CA ASP A 274 10.03 0.70 -7.80
C ASP A 274 9.04 1.02 -6.68
N THR A 275 7.87 1.51 -7.05
CA THR A 275 6.88 1.90 -6.07
C THR A 275 6.39 0.67 -5.32
N ILE A 276 6.09 -0.38 -6.08
CA ILE A 276 5.59 -1.63 -5.49
C ILE A 276 6.65 -2.19 -4.54
N TYR A 277 7.91 -2.23 -4.99
CA TYR A 277 8.95 -2.82 -4.14
C TYR A 277 9.19 -2.00 -2.88
N SER A 278 9.09 -0.68 -2.98
CA SER A 278 9.37 0.15 -1.81
C SER A 278 8.37 -0.16 -0.70
N PHE A 279 7.10 -0.29 -1.04
CA PHE A 279 6.09 -0.59 -0.03
C PHE A 279 6.22 -2.01 0.54
N LEU A 280 6.45 -3.01 -0.32
CA LEU A 280 6.60 -4.38 0.14
C LEU A 280 7.87 -4.57 0.99
N ARG A 281 8.95 -3.92 0.59
CA ARG A 281 10.16 -3.86 1.42
C ARG A 281 9.89 -3.22 2.78
N ALA A 282 9.15 -2.11 2.80
CA ALA A 282 8.85 -1.44 4.08
C ALA A 282 8.05 -2.36 4.99
N TYR A 283 7.07 -3.06 4.42
CA TYR A 283 6.32 -4.04 5.20
C TYR A 283 7.27 -5.08 5.78
N GLN A 284 8.17 -5.58 4.95
CA GLN A 284 9.07 -6.65 5.38
C GLN A 284 9.99 -6.19 6.50
N GLN A 285 10.45 -4.94 6.40
CA GLN A 285 11.37 -4.42 7.40
C GLN A 285 10.65 -4.14 8.73
N ASN A 286 9.38 -3.81 8.65
CA ASN A 286 8.56 -3.60 9.83
C ASN A 286 8.29 -4.92 10.54
N GLU A 287 8.17 -5.98 9.75
CA GLU A 287 7.87 -7.32 10.27
CA GLU A 287 7.86 -7.30 10.30
C GLU A 287 9.10 -7.94 10.92
N GLY A 288 10.28 -7.44 10.55
CA GLY A 288 11.52 -7.92 11.11
C GLY A 288 11.77 -7.40 12.52
N LEU B 3 -20.36 42.16 13.00
CA LEU B 3 -20.01 41.12 12.03
C LEU B 3 -20.03 39.73 12.68
N SER B 4 -21.00 38.91 12.29
CA SER B 4 -21.23 37.63 12.95
C SER B 4 -20.46 36.49 12.29
N VAL B 5 -19.98 35.56 13.11
CA VAL B 5 -19.21 34.43 12.61
C VAL B 5 -19.77 33.08 13.08
N ALA B 6 -19.88 32.15 12.14
CA ALA B 6 -20.22 30.76 12.50
C ALA B 6 -19.14 29.82 11.99
N ILE B 7 -18.91 28.76 12.76
CA ILE B 7 -18.08 27.64 12.32
C ILE B 7 -18.96 26.40 12.24
N ILE B 8 -18.99 25.76 11.07
CA ILE B 8 -19.69 24.49 10.91
C ILE B 8 -18.66 23.37 10.98
N GLY B 9 -18.82 22.46 11.94
CA GLY B 9 -17.97 21.30 12.07
C GLY B 9 -17.20 21.30 13.39
N PRO B 10 -17.79 20.73 14.45
CA PRO B 10 -17.18 20.71 15.78
CA PRO B 10 -17.17 20.71 15.78
C PRO B 10 -16.08 19.65 15.92
N GLY B 11 -15.06 19.73 15.06
CA GLY B 11 -13.98 18.75 15.09
C GLY B 11 -12.68 19.40 15.52
N ALA B 12 -11.55 18.85 15.09
CA ALA B 12 -10.25 19.35 15.55
C ALA B 12 -10.03 20.80 15.12
N VAL B 13 -10.22 21.05 13.82
CA VAL B 13 -9.95 22.37 13.29
C VAL B 13 -11.06 23.35 13.70
N GLY B 14 -12.31 22.92 13.55
CA GLY B 14 -13.43 23.81 13.82
C GLY B 14 -13.54 24.26 15.26
N THR B 15 -13.25 23.35 16.17
CA THR B 15 -13.39 23.65 17.59
C THR B 15 -12.25 24.55 18.05
N THR B 16 -11.07 24.36 17.47
CA THR B 16 -9.94 25.23 17.80
C THR B 16 -10.27 26.66 17.39
N ILE B 17 -10.76 26.81 16.17
CA ILE B 17 -11.16 28.13 15.69
C ILE B 17 -12.30 28.71 16.54
N ALA B 18 -13.32 27.91 16.84
CA ALA B 18 -14.42 28.44 17.64
C ALA B 18 -13.93 28.87 19.03
N TYR B 19 -13.16 28.02 19.69
CA TYR B 19 -12.73 28.35 21.05
C TYR B 19 -11.96 29.66 21.06
N GLU B 20 -11.00 29.80 20.15
CA GLU B 20 -10.13 30.96 20.20
C GLU B 20 -10.87 32.23 19.76
N LEU B 21 -11.79 32.12 18.80
CA LEU B 21 -12.55 33.31 18.38
C LEU B 21 -13.55 33.72 19.47
N GLN B 22 -14.09 32.73 20.20
CA GLN B 22 -15.05 33.03 21.26
C GLN B 22 -14.37 33.81 22.39
N GLN B 23 -13.06 33.66 22.54
CA GLN B 23 -12.35 34.42 23.56
C GLN B 23 -12.46 35.92 23.36
N SER B 24 -12.52 36.36 22.11
CA SER B 24 -12.60 37.80 21.84
C SER B 24 -13.91 38.20 21.15
N LEU B 25 -14.55 37.23 20.51
CA LEU B 25 -15.84 37.43 19.85
C LEU B 25 -16.85 36.42 20.38
N PRO B 26 -17.40 36.67 21.58
CA PRO B 26 -18.21 35.70 22.33
C PRO B 26 -19.48 35.20 21.62
N HIS B 27 -19.97 35.95 20.63
CA HIS B 27 -21.16 35.52 19.88
C HIS B 27 -20.82 34.59 18.71
N THR B 28 -19.54 34.35 18.49
CA THR B 28 -19.11 33.37 17.50
C THR B 28 -19.78 32.03 17.80
N THR B 29 -20.38 31.40 16.79
CA THR B 29 -21.19 30.20 17.01
C THR B 29 -20.64 28.95 16.33
N LEU B 30 -20.51 27.88 17.10
CA LEU B 30 -20.09 26.60 16.56
C LEU B 30 -21.31 25.73 16.25
N ILE B 31 -21.41 25.25 15.02
CA ILE B 31 -22.61 24.54 14.61
C ILE B 31 -22.29 23.09 14.23
N GLY B 32 -23.13 22.17 14.71
CA GLY B 32 -23.04 20.77 14.34
C GLY B 32 -24.42 20.23 14.01
N ARG B 33 -24.49 18.93 13.73
CA ARG B 33 -25.76 18.28 13.39
C ARG B 33 -26.75 18.34 14.55
N HIS B 34 -26.23 18.25 15.77
CA HIS B 34 -27.08 18.23 16.95
C HIS B 34 -26.49 19.07 18.07
N ALA B 35 -27.35 19.71 18.86
CA ALA B 35 -26.91 20.43 20.03
C ALA B 35 -26.16 19.52 21.00
N LYS B 36 -24.98 19.96 21.42
CA LYS B 36 -24.28 19.31 22.52
C LYS B 36 -23.21 20.23 23.08
N THR B 37 -22.60 19.79 24.18
CA THR B 37 -21.47 20.50 24.76
C THR B 37 -20.28 19.58 24.65
N ILE B 38 -19.23 20.01 23.96
CA ILE B 38 -18.07 19.13 23.85
C ILE B 38 -16.89 19.64 24.67
N THR B 39 -15.87 18.80 24.73
CA THR B 39 -14.71 19.05 25.56
C THR B 39 -13.53 19.48 24.70
N TYR B 40 -12.90 20.60 25.06
CA TYR B 40 -11.77 21.09 24.30
C TYR B 40 -10.53 21.29 25.18
N TYR B 41 -9.38 20.78 24.74
CA TYR B 41 -8.10 21.04 25.40
C TYR B 41 -7.20 21.91 24.53
N THR B 42 -6.73 23.03 25.07
CA THR B 42 -5.93 23.98 24.29
C THR B 42 -4.59 23.35 23.91
N VAL B 43 -4.06 22.53 24.82
CA VAL B 43 -2.91 21.67 24.55
C VAL B 43 -3.16 20.41 25.36
N PRO B 44 -2.45 19.30 25.05
CA PRO B 44 -2.64 18.11 25.86
C PRO B 44 -2.41 18.36 27.35
N HIS B 45 -3.25 17.75 28.19
CA HIS B 45 -3.20 17.85 29.66
C HIS B 45 -3.64 19.20 30.19
N ALA B 46 -4.03 20.12 29.32
CA ALA B 46 -4.62 21.38 29.75
C ALA B 46 -5.96 21.09 30.45
N PRO B 47 -6.41 22.01 31.31
CA PRO B 47 -7.75 21.85 31.88
C PRO B 47 -8.82 21.89 30.79
N ALA B 48 -9.85 21.06 30.92
CA ALA B 48 -10.92 21.01 29.93
C ALA B 48 -11.68 22.34 29.82
N GLN B 49 -12.11 22.66 28.61
CA GLN B 49 -12.99 23.80 28.35
C GLN B 49 -14.29 23.27 27.75
N ASP B 50 -15.43 23.72 28.28
CA ASP B 50 -16.71 23.39 27.64
C ASP B 50 -16.87 24.22 26.37
N ILE B 51 -17.19 23.57 25.25
CA ILE B 51 -17.54 24.30 24.04
C ILE B 51 -18.98 24.01 23.65
N VAL B 52 -19.78 25.06 23.50
CA VAL B 52 -21.17 24.88 23.11
C VAL B 52 -21.29 24.63 21.62
N VAL B 53 -21.99 23.56 21.26
CA VAL B 53 -22.32 23.28 19.87
C VAL B 53 -23.83 23.47 19.65
N LYS B 54 -24.22 24.39 18.76
CA LYS B 54 -25.64 24.53 18.40
C LYS B 54 -25.95 23.56 17.27
N GLY B 55 -27.11 22.91 17.34
CA GLY B 55 -27.56 22.08 16.24
C GLY B 55 -28.12 22.96 15.13
N TYR B 56 -28.17 22.42 13.92
CA TYR B 56 -28.78 23.12 12.79
C TYR B 56 -30.20 23.60 13.12
N GLU B 57 -30.95 22.77 13.83
CA GLU B 57 -32.35 23.08 14.10
C GLU B 57 -32.52 24.20 15.11
N ASP B 58 -31.44 24.53 15.81
CA ASP B 58 -31.46 25.57 16.83
C ASP B 58 -31.18 26.95 16.26
N VAL B 59 -30.61 26.99 15.06
CA VAL B 59 -30.13 28.27 14.54
C VAL B 59 -31.28 29.02 13.88
N THR B 60 -31.44 30.28 14.26
CA THR B 60 -32.47 31.13 13.67
C THR B 60 -31.94 32.50 13.26
N ASN B 61 -30.71 32.54 12.76
CA ASN B 61 -30.11 33.79 12.29
CA ASN B 61 -30.19 33.79 12.20
C ASN B 61 -29.12 33.50 11.17
N THR B 62 -28.75 34.52 10.40
CA THR B 62 -27.71 34.36 9.39
C THR B 62 -26.37 34.84 9.96
N PHE B 63 -25.30 34.53 9.25
CA PHE B 63 -23.96 34.90 9.65
C PHE B 63 -23.25 35.60 8.50
N ASP B 64 -22.44 36.61 8.83
CA ASP B 64 -21.68 37.34 7.84
C ASP B 64 -20.49 36.55 7.34
N VAL B 65 -20.01 35.64 8.18
CA VAL B 65 -18.88 34.80 7.84
C VAL B 65 -19.20 33.39 8.30
N ILE B 66 -19.04 32.42 7.41
CA ILE B 66 -19.20 31.03 7.81
C ILE B 66 -17.94 30.25 7.45
N ILE B 67 -17.29 29.68 8.46
CA ILE B 67 -16.11 28.85 8.25
C ILE B 67 -16.51 27.38 8.25
N ILE B 68 -16.33 26.69 7.13
CA ILE B 68 -16.68 25.29 7.07
C ILE B 68 -15.46 24.47 7.39
N ALA B 69 -15.50 23.73 8.50
CA ALA B 69 -14.33 22.95 8.92
C ALA B 69 -14.68 21.47 9.01
N VAL B 70 -15.07 20.87 7.88
CA VAL B 70 -15.38 19.45 7.84
C VAL B 70 -14.39 18.81 6.87
N LYS B 71 -14.40 17.49 6.81
CA LYS B 71 -13.53 16.76 5.90
C LYS B 71 -13.99 16.91 4.45
N THR B 72 -13.10 16.64 3.49
CA THR B 72 -13.45 16.90 2.10
C THR B 72 -14.73 16.19 1.68
N HIS B 73 -14.84 14.90 2.01
CA HIS B 73 -16.01 14.11 1.61
C HIS B 73 -17.28 14.44 2.41
N GLN B 74 -17.17 15.33 3.38
CA GLN B 74 -18.30 15.72 4.21
C GLN B 74 -18.93 17.04 3.75
N LEU B 75 -18.27 17.70 2.80
CA LEU B 75 -18.70 19.04 2.37
C LEU B 75 -20.08 19.01 1.71
N ASP B 76 -20.35 18.01 0.88
CA ASP B 76 -21.61 17.97 0.15
C ASP B 76 -22.80 17.96 1.10
N ALA B 77 -22.69 17.27 2.22
CA ALA B 77 -23.79 17.21 3.18
C ALA B 77 -23.99 18.53 3.92
N VAL B 78 -22.94 19.35 4.02
CA VAL B 78 -23.06 20.64 4.70
C VAL B 78 -23.79 21.68 3.83
N ILE B 79 -23.54 21.62 2.53
CA ILE B 79 -23.99 22.64 1.59
CA ILE B 79 -23.98 22.67 1.62
C ILE B 79 -25.48 23.00 1.69
N PRO B 80 -26.37 21.98 1.70
CA PRO B 80 -27.79 22.41 1.75
C PRO B 80 -28.16 23.25 2.98
N HIS B 81 -27.42 23.12 4.07
CA HIS B 81 -27.72 23.89 5.29
C HIS B 81 -27.40 25.38 5.13
N LEU B 82 -26.50 25.69 4.20
CA LEU B 82 -26.07 27.07 3.98
C LEU B 82 -27.22 27.96 3.49
N THR B 83 -28.27 27.33 2.98
CA THR B 83 -29.46 28.03 2.52
C THR B 83 -30.14 28.74 3.71
N TYR B 84 -29.91 28.21 4.90
CA TYR B 84 -30.59 28.70 6.09
C TYR B 84 -29.66 29.53 6.97
N LEU B 85 -28.38 29.54 6.65
CA LEU B 85 -27.38 30.14 7.53
C LEU B 85 -26.70 31.36 6.93
N ALA B 86 -26.80 31.52 5.62
CA ALA B 86 -26.07 32.56 4.92
C ALA B 86 -26.97 33.50 4.16
N HIS B 87 -26.58 34.77 4.08
CA HIS B 87 -27.21 35.68 3.15
C HIS B 87 -26.36 35.77 1.89
N GLU B 88 -26.87 36.47 0.89
CA GLU B 88 -26.25 36.54 -0.42
C GLU B 88 -24.76 36.93 -0.38
N ASP B 89 -24.40 37.78 0.58
CA ASP B 89 -23.07 38.35 0.64
C ASP B 89 -22.16 37.66 1.65
N THR B 90 -22.66 36.62 2.30
CA THR B 90 -21.91 35.94 3.33
C THR B 90 -20.57 35.44 2.82
N LEU B 91 -19.52 35.68 3.59
CA LEU B 91 -18.20 35.16 3.27
C LEU B 91 -18.11 33.73 3.77
N ILE B 92 -17.95 32.81 2.84
CA ILE B 92 -17.80 31.40 3.17
C ILE B 92 -16.35 31.00 3.02
N ILE B 93 -15.78 30.49 4.11
CA ILE B 93 -14.39 30.09 4.14
C ILE B 93 -14.34 28.57 4.29
N LEU B 94 -13.77 27.91 3.30
CA LEU B 94 -13.69 26.47 3.30
C LEU B 94 -12.37 26.05 3.93
N ALA B 95 -12.40 25.72 5.22
CA ALA B 95 -11.17 25.44 5.95
C ALA B 95 -10.92 23.94 5.91
N GLN B 96 -10.23 23.54 4.85
CA GLN B 96 -10.24 22.17 4.40
C GLN B 96 -9.01 21.89 3.56
N ASN B 97 -8.51 20.66 3.61
CA ASN B 97 -7.42 20.26 2.72
C ASN B 97 -7.99 19.92 1.36
N GLY B 98 -7.12 19.61 0.41
CA GLY B 98 -7.57 19.30 -0.94
C GLY B 98 -8.05 20.53 -1.69
N TYR B 99 -8.56 20.30 -2.88
CA TYR B 99 -8.97 21.42 -3.72
C TYR B 99 -10.00 20.91 -4.73
N GLY B 100 -10.59 21.83 -5.48
CA GLY B 100 -11.55 21.45 -6.52
C GLY B 100 -12.98 21.41 -6.03
N GLN B 101 -13.23 21.82 -4.79
CA GLN B 101 -14.59 21.77 -4.25
C GLN B 101 -15.25 23.11 -4.00
N LEU B 102 -14.52 24.22 -4.20
CA LEU B 102 -15.09 25.55 -3.97
C LEU B 102 -16.33 25.81 -4.82
N GLU B 103 -16.30 25.31 -6.05
CA GLU B 103 -17.38 25.53 -6.99
C GLU B 103 -18.68 24.87 -6.54
N HIS B 104 -18.59 23.93 -5.59
CA HIS B 104 -19.78 23.23 -5.13
C HIS B 104 -20.64 24.11 -4.24
N ILE B 105 -20.05 25.20 -3.76
CA ILE B 105 -20.73 26.10 -2.84
C ILE B 105 -21.40 27.23 -3.63
N PRO B 106 -22.73 27.24 -3.67
CA PRO B 106 -23.48 28.20 -4.52
C PRO B 106 -23.58 29.61 -3.91
N PHE B 107 -22.44 30.24 -3.67
CA PHE B 107 -22.39 31.61 -3.16
C PHE B 107 -21.29 32.38 -3.86
N LYS B 108 -21.41 33.69 -3.94
CA LYS B 108 -20.43 34.47 -4.68
C LYS B 108 -19.13 34.65 -3.92
N ASN B 109 -19.20 34.74 -2.59
CA ASN B 109 -18.00 34.98 -1.80
C ASN B 109 -17.55 33.70 -1.11
N VAL B 110 -16.77 32.90 -1.84
CA VAL B 110 -16.30 31.60 -1.36
C VAL B 110 -14.79 31.53 -1.50
N CYS B 111 -14.09 31.26 -0.40
CA CYS B 111 -12.63 31.25 -0.38
CA CYS B 111 -12.64 31.19 -0.47
C CYS B 111 -12.10 30.02 0.33
N GLN B 112 -11.06 29.40 -0.22
CA GLN B 112 -10.38 28.30 0.46
C GLN B 112 -9.51 28.86 1.58
N ALA B 113 -9.45 28.14 2.70
CA ALA B 113 -8.45 28.44 3.70
C ALA B 113 -7.50 27.26 3.75
N VAL B 114 -6.21 27.53 3.72
CA VAL B 114 -5.21 26.49 3.90
C VAL B 114 -4.92 26.41 5.39
N VAL B 115 -5.15 25.24 5.96
CA VAL B 115 -5.23 25.07 7.41
C VAL B 115 -3.89 24.67 8.03
N TYR B 116 -3.34 25.55 8.86
CA TYR B 116 -2.18 25.19 9.67
C TYR B 116 -2.58 25.26 11.15
N ILE B 117 -3.39 24.27 11.51
CA ILE B 117 -3.87 24.03 12.87
C ILE B 117 -3.82 22.52 13.08
N SER B 118 -3.15 22.07 14.14
CA SER B 118 -3.05 20.64 14.39
C SER B 118 -3.80 20.22 15.63
N GLY B 119 -4.67 19.23 15.47
CA GLY B 119 -5.40 18.67 16.58
C GLY B 119 -6.08 17.37 16.21
N GLN B 120 -6.72 16.74 17.18
CA GLN B 120 -7.41 15.48 16.97
C GLN B 120 -8.75 15.47 17.72
N LYS B 121 -9.77 14.98 17.04
CA LYS B 121 -11.08 14.78 17.64
C LYS B 121 -11.26 13.30 17.97
N LYS B 122 -11.63 12.99 19.20
CA LYS B 122 -12.09 11.64 19.52
C LYS B 122 -13.47 11.72 20.15
N GLY B 123 -14.49 11.35 19.40
CA GLY B 123 -15.86 11.51 19.87
C GLY B 123 -16.12 12.98 20.14
N ASP B 124 -16.57 13.28 21.36
CA ASP B 124 -16.88 14.66 21.73
C ASP B 124 -15.71 15.33 22.45
N VAL B 125 -14.50 14.83 22.24
CA VAL B 125 -13.32 15.42 22.86
C VAL B 125 -12.33 15.87 21.82
N VAL B 126 -12.00 17.17 21.83
CA VAL B 126 -11.03 17.72 20.89
C VAL B 126 -9.76 18.13 21.63
N THR B 127 -8.62 17.60 21.19
CA THR B 127 -7.33 18.01 21.73
C THR B 127 -6.57 18.80 20.66
N HIS B 128 -6.30 20.08 20.94
CA HIS B 128 -5.46 20.87 20.05
C HIS B 128 -4.00 20.54 20.35
N PHE B 129 -3.17 20.45 19.33
CA PHE B 129 -1.75 20.14 19.52
C PHE B 129 -0.88 21.39 19.38
N ARG B 130 -1.04 22.09 18.25
CA ARG B 130 -0.22 23.26 17.95
C ARG B 130 -0.80 24.06 16.77
N ASP B 131 -0.46 25.35 16.73
CA ASP B 131 -0.66 26.26 15.60
C ASP B 131 -2.12 26.75 15.51
N TYR B 132 -2.28 27.93 14.94
CA TYR B 132 -3.59 28.61 14.91
C TYR B 132 -3.77 29.37 13.60
N GLN B 133 -3.17 28.86 12.52
CA GLN B 133 -3.06 29.67 11.30
C GLN B 133 -3.98 29.18 10.19
N LEU B 134 -4.62 30.14 9.52
CA LEU B 134 -5.30 29.91 8.24
C LEU B 134 -4.70 30.83 7.20
N ARG B 135 -4.50 30.32 5.99
CA ARG B 135 -4.02 31.15 4.89
C ARG B 135 -5.16 31.28 3.89
N ILE B 136 -5.45 32.51 3.47
CA ILE B 136 -6.62 32.78 2.67
C ILE B 136 -6.26 33.84 1.64
N GLN B 137 -6.95 33.82 0.51
CA GLN B 137 -6.73 34.84 -0.51
C GLN B 137 -6.97 36.24 0.06
N ASP B 138 -6.07 37.16 -0.25
CA ASP B 138 -6.23 38.57 0.12
C ASP B 138 -7.26 39.23 -0.79
N ASN B 139 -8.34 39.73 -0.18
CA ASN B 139 -9.31 40.59 -0.86
C ASN B 139 -9.99 41.46 0.21
N ALA B 140 -10.93 42.32 -0.19
CA ALA B 140 -11.55 43.25 0.75
C ALA B 140 -12.29 42.54 1.90
N LEU B 141 -12.98 41.46 1.57
CA LEU B 141 -13.78 40.74 2.57
C LEU B 141 -12.91 39.97 3.54
N THR B 142 -11.82 39.38 3.05
CA THR B 142 -10.95 38.63 3.94
C THR B 142 -10.12 39.59 4.78
N ARG B 143 -9.79 40.76 4.24
CA ARG B 143 -9.13 41.78 5.04
C ARG B 143 -10.04 42.23 6.19
N GLN B 144 -11.33 42.36 5.92
CA GLN B 144 -12.29 42.72 6.95
C GLN B 144 -12.39 41.63 8.01
N PHE B 145 -12.37 40.37 7.56
CA PHE B 145 -12.39 39.25 8.49
C PHE B 145 -11.11 39.22 9.34
N ARG B 146 -9.96 39.43 8.69
CA ARG B 146 -8.68 39.46 9.38
C ARG B 146 -8.71 40.50 10.49
N ASP B 147 -9.21 41.68 10.16
CA ASP B 147 -9.31 42.76 11.15
C ASP B 147 -10.24 42.40 12.29
N LEU B 148 -11.37 41.77 11.97
CA LEU B 148 -12.33 41.36 12.99
C LEU B 148 -11.71 40.51 14.09
N VAL B 149 -10.85 39.56 13.69
CA VAL B 149 -10.35 38.55 14.63
C VAL B 149 -9.00 38.92 15.21
N GLN B 150 -8.58 40.17 15.01
CA GLN B 150 -7.25 40.65 15.39
C GLN B 150 -6.88 40.43 16.86
N ASP B 151 -7.86 40.49 17.74
CA ASP B 151 -7.57 40.36 19.17
C ASP B 151 -7.49 38.88 19.61
N SER B 152 -7.79 37.97 18.70
CA SER B 152 -7.76 36.55 19.03
C SER B 152 -6.39 35.95 18.77
N GLN B 153 -6.26 34.65 19.01
CA GLN B 153 -5.02 33.93 18.75
C GLN B 153 -5.01 33.37 17.33
N ILE B 154 -6.13 33.49 16.63
CA ILE B 154 -6.21 32.96 15.28
C ILE B 154 -5.36 33.84 14.36
N ASP B 155 -4.45 33.21 13.64
CA ASP B 155 -3.53 33.91 12.75
C ASP B 155 -3.99 33.81 11.31
N ILE B 156 -4.71 34.82 10.83
CA ILE B 156 -5.11 34.85 9.42
C ILE B 156 -4.00 35.44 8.57
N VAL B 157 -3.45 34.64 7.67
CA VAL B 157 -2.43 35.13 6.74
C VAL B 157 -3.05 35.33 5.36
N LEU B 158 -3.11 36.57 4.90
CA LEU B 158 -3.70 36.85 3.59
C LEU B 158 -2.64 36.72 2.51
N GLU B 159 -2.97 35.94 1.48
CA GLU B 159 -2.03 35.66 0.40
C GLU B 159 -2.39 36.44 -0.86
N ALA B 160 -1.37 37.02 -1.50
CA ALA B 160 -1.58 37.69 -2.78
C ALA B 160 -2.15 36.70 -3.79
N ASN B 161 -1.65 35.46 -3.75
CA ASN B 161 -2.18 34.40 -4.60
C ASN B 161 -2.28 33.09 -3.84
N ILE B 162 -3.50 32.76 -3.42
CA ILE B 162 -3.72 31.63 -2.54
C ILE B 162 -3.41 30.30 -3.23
N GLN B 163 -3.40 30.30 -4.57
CA GLN B 163 -3.09 29.09 -5.34
C GLN B 163 -1.80 28.42 -4.91
N GLN B 164 -0.81 29.24 -4.60
CA GLN B 164 0.50 28.76 -4.21
C GLN B 164 0.41 27.99 -2.90
N ALA B 165 -0.22 28.58 -1.88
CA ALA B 165 -0.37 27.92 -0.58
C ALA B 165 -1.17 26.64 -0.69
N ILE B 166 -2.23 26.69 -1.49
CA ILE B 166 -3.09 25.53 -1.67
C ILE B 166 -2.31 24.37 -2.25
N TRP B 167 -1.59 24.64 -3.35
CA TRP B 167 -0.83 23.58 -4.00
C TRP B 167 0.35 23.12 -3.15
N TYR B 168 0.97 24.02 -2.39
CA TYR B 168 2.06 23.60 -1.51
C TYR B 168 1.54 22.56 -0.51
N LYS B 169 0.40 22.86 0.08
CA LYS B 169 -0.23 21.92 1.02
C LYS B 169 -0.67 20.62 0.34
N LEU B 170 -1.21 20.71 -0.88
CA LEU B 170 -1.53 19.51 -1.64
C LEU B 170 -0.31 18.58 -1.75
N LEU B 171 0.85 19.17 -2.06
CA LEU B 171 2.08 18.39 -2.19
C LEU B 171 2.55 17.84 -0.85
N VAL B 172 2.54 18.67 0.19
CA VAL B 172 2.90 18.19 1.53
C VAL B 172 2.04 16.99 1.93
N ASN B 173 0.75 17.04 1.61
CA ASN B 173 -0.13 15.89 1.87
C ASN B 173 0.20 14.73 0.94
N LEU B 174 0.43 15.03 -0.33
CA LEU B 174 0.64 14.02 -1.35
C LEU B 174 1.75 13.04 -1.00
N GLY B 175 2.86 13.55 -0.47
CA GLY B 175 4.02 12.74 -0.18
C GLY B 175 3.90 11.85 1.05
N ILE B 176 3.76 12.45 2.22
CA ILE B 176 3.77 11.69 3.48
C ILE B 176 2.40 11.08 3.81
N ASN B 177 1.29 11.71 3.42
CA ASN B 177 0.01 11.09 3.75
C ASN B 177 -0.23 9.85 2.87
N SER B 178 0.16 9.90 1.60
CA SER B 178 -0.01 8.72 0.73
C SER B 178 0.84 7.56 1.24
N ILE B 179 2.07 7.88 1.65
CA ILE B 179 3.05 6.88 2.06
CA ILE B 179 3.00 6.84 2.03
C ILE B 179 2.66 6.21 3.37
N THR B 180 2.28 7.02 4.35
CA THR B 180 1.89 6.46 5.63
C THR B 180 0.59 5.66 5.49
N ALA B 181 -0.36 6.15 4.69
CA ALA B 181 -1.62 5.45 4.53
C ALA B 181 -1.43 4.11 3.81
N LEU B 182 -0.79 4.14 2.65
CA LEU B 182 -0.58 2.92 1.88
C LEU B 182 0.35 1.97 2.62
N GLY B 183 1.33 2.52 3.33
CA GLY B 183 2.25 1.70 4.09
C GLY B 183 1.65 1.19 5.39
N ARG B 184 0.47 1.69 5.77
CA ARG B 184 -0.12 1.42 7.08
C ARG B 184 0.90 1.63 8.22
N GLN B 185 1.66 2.70 8.14
CA GLN B 185 2.69 2.98 9.15
C GLN B 185 2.72 4.45 9.50
N THR B 186 3.20 4.75 10.71
CA THR B 186 3.56 6.12 11.05
C THR B 186 4.70 6.60 10.15
N VAL B 187 5.13 7.85 10.37
CA VAL B 187 6.17 8.41 9.52
C VAL B 187 7.49 7.69 9.67
N ALA B 188 7.62 6.81 10.68
CA ALA B 188 8.82 5.98 10.85
C ALA B 188 9.14 5.18 9.60
N ILE B 189 8.13 4.98 8.75
CA ILE B 189 8.32 4.25 7.49
C ILE B 189 9.36 4.94 6.60
N MET B 190 9.62 6.23 6.84
CA MET B 190 10.60 6.96 6.05
C MET B 190 12.05 6.58 6.37
N HIS B 191 12.26 5.74 7.38
CA HIS B 191 13.62 5.26 7.63
C HIS B 191 14.08 4.26 6.55
N ASN B 192 13.13 3.71 5.79
CA ASN B 192 13.44 2.91 4.61
C ASN B 192 13.94 3.80 3.47
N PRO B 193 15.17 3.58 2.99
CA PRO B 193 15.64 4.49 1.93
C PRO B 193 14.82 4.39 0.63
N GLU B 194 14.29 3.21 0.32
CA GLU B 194 13.46 3.05 -0.86
C GLU B 194 12.19 3.89 -0.75
N ILE B 195 11.63 3.96 0.45
CA ILE B 195 10.45 4.77 0.68
C ILE B 195 10.75 6.26 0.49
N ARG B 196 11.92 6.71 0.95
CA ARG B 196 12.28 8.12 0.76
C ARG B 196 12.49 8.44 -0.73
N ILE B 197 13.03 7.49 -1.49
CA ILE B 197 13.18 7.69 -2.93
C ILE B 197 11.82 7.81 -3.61
N LEU B 198 10.92 6.88 -3.30
CA LEU B 198 9.55 6.93 -3.77
C LEU B 198 8.87 8.25 -3.39
N CYS B 199 9.05 8.65 -2.13
CA CYS B 199 8.44 9.88 -1.64
C CYS B 199 8.84 11.07 -2.50
N ARG B 200 10.13 11.17 -2.77
CA ARG B 200 10.62 12.28 -3.58
C ARG B 200 10.10 12.23 -5.01
N GLN B 201 10.06 11.04 -5.61
CA GLN B 201 9.52 10.87 -6.96
C GLN B 201 8.04 11.23 -7.01
N LEU B 202 7.33 10.87 -5.96
CA LEU B 202 5.92 11.18 -5.84
C LEU B 202 5.72 12.70 -5.78
N LEU B 203 6.54 13.38 -4.99
CA LEU B 203 6.44 14.83 -4.90
C LEU B 203 6.74 15.48 -6.24
N LEU B 204 7.69 14.88 -6.97
CA LEU B 204 8.05 15.37 -8.30
C LEU B 204 6.89 15.26 -9.27
N ASP B 205 6.16 14.14 -9.24
CA ASP B 205 4.96 13.99 -10.05
C ASP B 205 3.98 15.11 -9.71
N GLY B 206 3.79 15.33 -8.42
CA GLY B 206 2.88 16.37 -7.96
C GLY B 206 3.33 17.74 -8.43
N CYS B 207 4.63 17.98 -8.35
CA CYS B 207 5.20 19.24 -8.82
CA CYS B 207 5.17 19.24 -8.83
C CYS B 207 4.93 19.46 -10.32
N ARG B 208 5.07 18.39 -11.11
CA ARG B 208 4.82 18.52 -12.55
C ARG B 208 3.37 18.90 -12.83
N VAL B 209 2.44 18.37 -12.04
CA VAL B 209 1.03 18.73 -12.21
C VAL B 209 0.85 20.21 -11.83
N ALA B 210 1.43 20.61 -10.70
CA ALA B 210 1.34 22.01 -10.25
C ALA B 210 1.85 22.97 -11.33
N GLN B 211 2.96 22.60 -11.97
CA GLN B 211 3.52 23.42 -13.04
C GLN B 211 2.53 23.55 -14.21
N ALA B 212 1.94 22.42 -14.61
CA ALA B 212 0.95 22.47 -15.68
C ALA B 212 -0.26 23.33 -15.29
N GLU B 213 -0.50 23.48 -13.99
CA GLU B 213 -1.57 24.34 -13.51
C GLU B 213 -1.10 25.79 -13.35
N GLY B 214 0.16 26.03 -13.67
CA GLY B 214 0.70 27.37 -13.68
C GLY B 214 1.42 27.83 -12.43
N LEU B 215 1.80 26.90 -11.56
CA LEU B 215 2.51 27.25 -10.34
C LEU B 215 4.02 27.14 -10.54
N ASN B 216 4.77 28.04 -9.90
CA ASN B 216 6.22 28.11 -10.08
C ASN B 216 7.01 27.14 -9.17
N PHE B 217 6.49 25.94 -8.96
CA PHE B 217 7.16 24.95 -8.12
C PHE B 217 8.30 24.26 -8.89
N SER B 218 9.31 23.77 -8.17
CA SER B 218 10.49 23.17 -8.80
C SER B 218 11.08 22.08 -7.93
N GLU B 219 12.26 21.60 -8.30
CA GLU B 219 12.94 20.60 -7.47
C GLU B 219 13.32 21.20 -6.10
N GLN B 220 13.57 22.50 -6.06
CA GLN B 220 13.80 23.19 -4.79
C GLN B 220 12.59 23.04 -3.87
N THR B 221 11.40 23.17 -4.45
CA THR B 221 10.18 23.02 -3.67
C THR B 221 10.10 21.64 -3.06
N VAL B 222 10.37 20.63 -3.88
CA VAL B 222 10.41 19.22 -3.44
C VAL B 222 11.44 19.04 -2.30
N ASP B 223 12.63 19.58 -2.49
CA ASP B 223 13.66 19.52 -1.44
C ASP B 223 13.16 20.12 -0.12
N THR B 224 12.48 21.27 -0.18
CA THR B 224 12.03 21.90 1.06
C THR B 224 11.01 21.01 1.75
N ILE B 225 10.17 20.33 0.98
CA ILE B 225 9.16 19.45 1.57
C ILE B 225 9.82 18.20 2.18
N MET B 226 10.84 17.65 1.51
CA MET B 226 11.54 16.50 2.08
C MET B 226 12.25 16.91 3.39
N THR B 227 12.76 18.13 3.43
CA THR B 227 13.39 18.65 4.64
C THR B 227 12.39 18.72 5.79
N ILE B 228 11.21 19.28 5.53
CA ILE B 228 10.12 19.28 6.51
C ILE B 228 9.82 17.89 7.06
N TYR B 229 9.69 16.91 6.17
CA TYR B 229 9.43 15.53 6.59
C TYR B 229 10.51 15.03 7.58
N GLN B 230 11.75 15.45 7.36
CA GLN B 230 12.86 15.01 8.23
C GLN B 230 12.74 15.50 9.68
N GLY B 231 11.85 16.46 9.90
CA GLY B 231 11.64 16.97 11.25
C GLY B 231 10.61 16.20 12.06
N TYR B 232 9.82 15.36 11.40
CA TYR B 232 8.76 14.60 12.08
C TYR B 232 9.30 13.48 12.96
N PRO B 233 8.79 13.35 14.20
CA PRO B 233 9.19 12.24 15.08
C PRO B 233 8.56 10.92 14.67
N ASP B 234 9.20 9.79 14.99
CA ASP B 234 8.76 8.47 14.53
C ASP B 234 7.28 8.16 14.78
N GLU B 235 6.77 8.60 15.93
CA GLU B 235 5.40 8.20 16.32
C GLU B 235 4.31 8.98 15.61
N MET B 236 4.70 9.99 14.84
CA MET B 236 3.74 10.87 14.23
C MET B 236 2.96 10.14 13.13
N GLY B 237 1.65 10.27 13.14
CA GLY B 237 0.84 9.70 12.08
C GLY B 237 0.45 10.79 11.11
N THR B 238 -0.45 10.47 10.18
CA THR B 238 -1.06 11.48 9.34
C THR B 238 -2.57 11.22 9.36
N SER B 239 -3.36 12.21 8.97
CA SER B 239 -4.81 12.05 9.03
C SER B 239 -5.24 10.91 8.11
N MET B 240 -4.62 10.82 6.93
CA MET B 240 -5.04 9.76 6.00
C MET B 240 -4.61 8.40 6.52
N TYR B 241 -3.47 8.34 7.19
CA TYR B 241 -3.04 7.14 7.87
C TYR B 241 -4.03 6.74 8.95
N TYR B 242 -4.46 7.71 9.77
CA TYR B 242 -5.37 7.39 10.86
C TYR B 242 -6.69 6.90 10.29
N ASP B 243 -7.16 7.57 9.24
CA ASP B 243 -8.42 7.18 8.61
C ASP B 243 -8.37 5.74 8.10
N ILE B 244 -7.27 5.37 7.43
CA ILE B 244 -7.22 4.09 6.75
C ILE B 244 -7.06 2.95 7.77
N VAL B 245 -6.33 3.19 8.86
CA VAL B 245 -6.18 2.17 9.89
C VAL B 245 -7.46 2.09 10.72
N HIS B 246 -8.25 3.16 10.71
CA HIS B 246 -9.54 3.14 11.42
C HIS B 246 -10.65 2.59 10.53
N GLN B 247 -10.29 2.20 9.31
CA GLN B 247 -11.27 1.73 8.31
C GLN B 247 -12.35 2.77 8.02
N GLN B 248 -11.94 4.02 7.97
CA GLN B 248 -12.81 5.13 7.66
C GLN B 248 -12.63 5.55 6.20
N PRO B 249 -13.60 6.33 5.67
CA PRO B 249 -13.37 6.94 4.36
C PRO B 249 -12.16 7.85 4.38
N LEU B 250 -11.44 7.94 3.26
CA LEU B 250 -10.31 8.84 3.15
C LEU B 250 -10.72 10.13 2.49
N GLU B 251 -9.89 11.16 2.66
CA GLU B 251 -10.05 12.39 1.90
C GLU B 251 -9.37 12.30 0.54
N VAL B 252 -9.28 11.10 -0.01
CA VAL B 252 -8.43 10.91 -1.20
C VAL B 252 -8.91 11.68 -2.43
N GLU B 253 -10.22 11.74 -2.65
CA GLU B 253 -10.71 12.20 -3.95
C GLU B 253 -10.40 13.69 -4.20
N ALA B 254 -10.41 14.50 -3.15
CA ALA B 254 -10.11 15.92 -3.30
C ALA B 254 -8.62 16.23 -3.19
N ILE B 255 -7.81 15.22 -2.88
CA ILE B 255 -6.38 15.44 -2.69
C ILE B 255 -5.59 14.71 -3.78
N GLN B 256 -5.22 13.46 -3.54
CA GLN B 256 -4.54 12.71 -4.59
C GLN B 256 -5.44 12.59 -5.81
N GLY B 257 -6.75 12.48 -5.58
CA GLY B 257 -7.68 12.36 -6.69
C GLY B 257 -7.71 13.61 -7.57
N PHE B 258 -7.76 14.76 -6.92
CA PHE B 258 -7.73 16.02 -7.65
C PHE B 258 -6.44 16.15 -8.46
N ILE B 259 -5.30 15.86 -7.83
CA ILE B 259 -4.03 15.99 -8.49
C ILE B 259 -3.97 15.05 -9.69
N TYR B 260 -4.41 13.82 -9.50
CA TYR B 260 -4.54 12.85 -10.58
C TYR B 260 -5.43 13.36 -11.75
N ARG B 261 -6.60 13.91 -11.44
CA ARG B 261 -7.47 14.33 -12.54
CA ARG B 261 -7.51 14.40 -12.48
C ARG B 261 -6.85 15.52 -13.28
N ARG B 262 -6.12 16.39 -12.59
CA ARG B 262 -5.41 17.47 -13.29
C ARG B 262 -4.27 16.92 -14.14
N ALA B 263 -3.63 15.85 -13.69
CA ALA B 263 -2.56 15.24 -14.47
C ALA B 263 -3.14 14.68 -15.77
N ARG B 264 -4.31 14.04 -15.69
CA ARG B 264 -4.95 13.50 -16.89
C ARG B 264 -5.41 14.62 -17.81
N GLU B 265 -5.94 15.69 -17.22
CA GLU B 265 -6.41 16.85 -17.98
C GLU B 265 -5.27 17.42 -18.81
N HIS B 266 -4.06 17.37 -18.27
CA HIS B 266 -2.89 17.91 -18.95
C HIS B 266 -2.09 16.84 -19.67
N ASN B 267 -2.65 15.63 -19.75
CA ASN B 267 -2.00 14.51 -20.43
CA ASN B 267 -2.01 14.52 -20.44
C ASN B 267 -0.56 14.29 -19.99
N LEU B 268 -0.33 14.34 -18.68
CA LEU B 268 1.01 14.17 -18.13
C LEU B 268 1.34 12.71 -17.85
N ASP B 269 2.64 12.42 -17.74
CA ASP B 269 3.10 11.11 -17.31
CA ASP B 269 3.10 11.10 -17.30
C ASP B 269 3.48 11.17 -15.84
N THR B 270 2.62 10.59 -14.99
CA THR B 270 2.82 10.63 -13.55
C THR B 270 2.73 9.25 -12.90
N PRO B 271 3.70 8.37 -13.18
CA PRO B 271 3.57 6.97 -12.76
C PRO B 271 3.46 6.79 -11.25
N TYR B 272 4.19 7.59 -10.46
CA TYR B 272 4.18 7.40 -9.01
C TYR B 272 2.83 7.84 -8.45
N LEU B 273 2.40 9.02 -8.86
CA LEU B 273 1.07 9.51 -8.51
C LEU B 273 -0.04 8.52 -8.92
N ASP B 274 0.02 8.01 -10.14
CA ASP B 274 -0.99 7.08 -10.62
C ASP B 274 -1.06 5.81 -9.74
N THR B 275 0.10 5.30 -9.38
CA THR B 275 0.16 4.08 -8.59
C THR B 275 -0.45 4.32 -7.22
N ILE B 276 -0.08 5.44 -6.61
CA ILE B 276 -0.56 5.80 -5.29
C ILE B 276 -2.08 6.00 -5.33
N TYR B 277 -2.54 6.75 -6.32
CA TYR B 277 -3.96 6.99 -6.42
C TYR B 277 -4.73 5.69 -6.68
N SER B 278 -4.19 4.81 -7.51
CA SER B 278 -4.91 3.58 -7.83
CA SER B 278 -4.91 3.58 -7.83
C SER B 278 -5.22 2.79 -6.55
N PHE B 279 -4.22 2.67 -5.66
CA PHE B 279 -4.45 1.95 -4.40
C PHE B 279 -5.36 2.68 -3.41
N LEU B 280 -5.23 4.00 -3.32
CA LEU B 280 -6.06 4.74 -2.37
C LEU B 280 -7.51 4.71 -2.85
N ARG B 281 -7.70 4.83 -4.15
CA ARG B 281 -9.03 4.72 -4.75
C ARG B 281 -9.65 3.32 -4.53
N ALA B 282 -8.84 2.27 -4.69
CA ALA B 282 -9.34 0.91 -4.49
C ALA B 282 -9.78 0.73 -3.05
N TYR B 283 -9.01 1.29 -2.11
CA TYR B 283 -9.39 1.22 -0.71
C TYR B 283 -10.74 1.89 -0.54
N GLN B 284 -10.86 3.10 -1.09
CA GLN B 284 -12.06 3.91 -0.92
C GLN B 284 -13.27 3.23 -1.53
N GLN B 285 -13.07 2.56 -2.66
CA GLN B 285 -14.18 1.90 -3.33
C GLN B 285 -14.62 0.65 -2.57
N ASN B 286 -13.70 0.07 -1.81
CA ASN B 286 -13.98 -1.15 -1.06
C ASN B 286 -14.69 -0.84 0.25
N GLU B 287 -14.28 0.26 0.87
CA GLU B 287 -14.84 0.73 2.15
CA GLU B 287 -14.87 0.69 2.14
C GLU B 287 -16.23 1.33 1.93
N GLY B 288 -16.40 2.02 0.81
CA GLY B 288 -17.66 2.65 0.48
C GLY B 288 -18.64 1.64 -0.08
#